data_2H4O
#
_entry.id   2H4O
#
_cell.length_a   101.016
_cell.length_b   72.201
_cell.length_c   48.935
_cell.angle_alpha   90.00
_cell.angle_beta   113.78
_cell.angle_gamma   90.00
#
_symmetry.space_group_name_H-M   'C 1 2 1'
#
loop_
_entity.id
_entity.type
_entity.pdbx_description
1 polymer 'YonK protein'
2 water water
#
_entity_poly.entity_id   1
_entity_poly.type   'polypeptide(L)'
_entity_poly.pdbx_seq_one_letter_code
;(MSE)ASKKVHQINVKGFFD(MSE)DV(MSE)EVTEQTKEAEYTYDFKEILSEFNGKNVSITVKEENELPVKGVE(MSE)
AGDPLEHHHHHH
;
_entity_poly.pdbx_strand_id   A,B,C,D
#
# COMPACT_ATOMS: atom_id res chain seq x y z
N ALA A 2 -13.76 -5.92 -9.48
CA ALA A 2 -12.31 -5.60 -9.26
C ALA A 2 -11.73 -6.37 -8.07
N SER A 3 -12.62 -6.94 -7.27
CA SER A 3 -12.20 -7.70 -6.12
C SER A 3 -11.45 -8.93 -6.64
N LYS A 4 -10.35 -9.29 -6.00
CA LYS A 4 -9.59 -10.43 -6.42
C LYS A 4 -8.62 -10.89 -5.38
N LYS A 5 -8.12 -12.11 -5.59
CA LYS A 5 -7.12 -12.73 -4.73
C LYS A 5 -5.82 -12.75 -5.56
N VAL A 6 -4.77 -12.14 -5.04
CA VAL A 6 -3.52 -12.16 -5.76
C VAL A 6 -2.50 -13.01 -4.99
N HIS A 7 -1.66 -13.74 -5.71
CA HIS A 7 -0.63 -14.57 -5.11
C HIS A 7 0.60 -14.28 -5.94
N GLN A 8 1.65 -13.75 -5.32
CA GLN A 8 2.81 -13.38 -6.07
C GLN A 8 4.16 -13.79 -5.46
N ILE A 9 5.12 -14.22 -6.28
CA ILE A 9 6.46 -14.57 -5.81
C ILE A 9 7.50 -13.62 -6.45
N ASN A 10 8.40 -13.10 -5.61
CA ASN A 10 9.45 -12.18 -6.04
C ASN A 10 10.72 -12.93 -5.71
N VAL A 11 11.66 -12.97 -6.65
CA VAL A 11 12.92 -13.65 -6.44
C VAL A 11 14.04 -12.84 -7.06
N LYS A 12 14.99 -12.43 -6.24
CA LYS A 12 16.08 -11.63 -6.74
C LYS A 12 17.41 -12.29 -6.42
N GLY A 13 18.24 -12.51 -7.45
CA GLY A 13 19.54 -13.11 -7.24
C GLY A 13 20.27 -13.52 -8.51
N PHE A 14 21.38 -14.24 -8.36
CA PHE A 14 22.14 -14.70 -9.52
C PHE A 14 21.45 -15.94 -10.11
N PHE A 15 21.02 -15.83 -11.35
CA PHE A 15 20.29 -16.90 -12.02
C PHE A 15 21.09 -17.91 -12.81
N ASP A 16 20.90 -19.18 -12.46
CA ASP A 16 21.56 -20.29 -13.12
C ASP A 16 20.45 -21.24 -13.57
N MSE A 17 20.15 -21.17 -14.87
CA MSE A 17 19.10 -21.95 -15.47
C MSE A 17 19.44 -23.39 -15.71
O MSE A 17 18.56 -24.20 -16.00
CB MSE A 17 18.68 -21.31 -16.78
CG MSE A 17 17.47 -21.96 -17.41
SE MSE A 17 17.20 -21.31 -19.18
CE MSE A 17 19.02 -21.53 -19.90
N ASP A 18 20.73 -23.71 -15.60
CA ASP A 18 21.22 -25.07 -15.82
C ASP A 18 20.75 -25.94 -14.65
N VAL A 19 20.95 -25.43 -13.44
CA VAL A 19 20.52 -26.13 -12.23
C VAL A 19 19.17 -25.55 -11.82
N MSE A 20 18.71 -24.56 -12.58
CA MSE A 20 17.45 -23.89 -12.33
C MSE A 20 17.33 -23.33 -10.91
O MSE A 20 16.35 -23.59 -10.21
CB MSE A 20 16.29 -24.82 -12.63
CG MSE A 20 15.82 -24.77 -14.08
SE MSE A 20 14.84 -23.14 -14.59
CE MSE A 20 13.04 -23.70 -14.20
N GLU A 21 18.33 -22.54 -10.51
CA GLU A 21 18.34 -21.93 -9.19
C GLU A 21 18.72 -20.45 -9.18
N VAL A 22 18.11 -19.70 -8.28
CA VAL A 22 18.42 -18.29 -8.12
C VAL A 22 19.02 -18.14 -6.73
N THR A 23 20.15 -17.44 -6.66
CA THR A 23 20.81 -17.24 -5.40
C THR A 23 21.25 -15.80 -5.14
N GLU A 24 20.72 -15.18 -4.07
CA GLU A 24 21.10 -13.81 -3.72
C GLU A 24 22.07 -13.74 -2.57
N GLN A 25 22.99 -12.79 -2.67
CA GLN A 25 24.02 -12.54 -1.68
C GLN A 25 23.60 -11.40 -0.74
N THR A 26 23.00 -11.72 0.41
CA THR A 26 22.59 -10.70 1.39
C THR A 26 23.83 -10.22 2.14
N LYS A 27 23.61 -9.24 3.01
CA LYS A 27 24.66 -8.65 3.85
C LYS A 27 25.04 -9.59 5.00
N GLU A 28 24.44 -10.78 5.01
CA GLU A 28 24.68 -11.77 6.04
C GLU A 28 25.07 -13.10 5.40
N ALA A 29 24.07 -13.75 4.80
CA ALA A 29 24.30 -15.04 4.18
C ALA A 29 24.18 -15.03 2.65
N GLU A 30 24.19 -16.24 2.09
CA GLU A 30 24.05 -16.48 0.66
C GLU A 30 22.95 -17.52 0.49
N TYR A 31 21.71 -17.05 0.32
CA TYR A 31 20.52 -17.88 0.15
C TYR A 31 20.37 -18.43 -1.26
N THR A 32 19.85 -19.65 -1.37
CA THR A 32 19.66 -20.27 -2.67
C THR A 32 18.26 -20.80 -2.75
N TYR A 33 17.53 -20.35 -3.76
CA TYR A 33 16.15 -20.76 -3.95
C TYR A 33 16.12 -21.57 -5.24
N ASP A 34 15.27 -22.59 -5.32
CA ASP A 34 15.23 -23.34 -6.55
C ASP A 34 14.02 -22.87 -7.31
N PHE A 35 14.31 -22.19 -8.40
CA PHE A 35 13.32 -21.61 -9.28
C PHE A 35 12.35 -22.66 -9.80
N LYS A 36 12.82 -23.90 -9.90
CA LYS A 36 12.00 -25.01 -10.38
C LYS A 36 10.78 -25.22 -9.44
N GLU A 37 11.06 -25.42 -8.17
CA GLU A 37 9.99 -25.62 -7.20
C GLU A 37 9.06 -24.43 -7.19
N ILE A 38 9.64 -23.23 -7.12
CA ILE A 38 8.85 -21.99 -7.12
C ILE A 38 7.94 -21.94 -8.37
N LEU A 39 8.55 -22.10 -9.54
CA LEU A 39 7.84 -22.06 -10.79
C LEU A 39 6.72 -23.06 -10.86
N SER A 40 6.91 -24.23 -10.28
CA SER A 40 5.88 -25.27 -10.33
C SER A 40 4.62 -24.92 -9.59
N GLU A 41 4.73 -24.07 -8.58
CA GLU A 41 3.58 -23.69 -7.78
C GLU A 41 2.58 -22.98 -8.68
N PHE A 42 3.05 -22.56 -9.85
CA PHE A 42 2.20 -21.83 -10.78
C PHE A 42 1.84 -22.60 -12.06
N ASN A 43 2.43 -23.77 -12.26
CA ASN A 43 2.13 -24.56 -13.44
C ASN A 43 0.66 -24.88 -13.58
N GLY A 44 0.06 -24.44 -14.67
CA GLY A 44 -1.34 -24.71 -14.91
C GLY A 44 -2.28 -23.54 -14.72
N LYS A 45 -1.72 -22.34 -14.64
CA LYS A 45 -2.51 -21.15 -14.32
C LYS A 45 -2.12 -19.98 -15.23
N ASN A 46 -3.11 -19.16 -15.57
CA ASN A 46 -2.85 -17.76 -15.94
C ASN A 46 -1.91 -17.07 -14.96
N VAL A 47 -0.79 -16.57 -15.47
CA VAL A 47 0.18 -15.86 -14.65
C VAL A 47 0.63 -14.56 -15.33
N SER A 48 1.33 -13.72 -14.58
CA SER A 48 2.21 -12.72 -15.17
C SER A 48 3.64 -12.88 -14.68
N ILE A 49 4.57 -13.01 -15.61
CA ILE A 49 5.98 -13.23 -15.27
C ILE A 49 6.84 -12.05 -15.70
N THR A 50 7.64 -11.54 -14.77
CA THR A 50 8.56 -10.45 -15.05
C THR A 50 9.99 -10.83 -14.69
N VAL A 51 10.89 -10.67 -15.66
CA VAL A 51 12.30 -10.99 -15.45
C VAL A 51 13.08 -9.73 -15.84
N LYS A 52 13.76 -9.18 -14.85
CA LYS A 52 14.46 -7.92 -15.05
C LYS A 52 15.90 -8.19 -14.74
N GLU A 53 16.78 -7.50 -15.46
CA GLU A 53 18.20 -7.61 -15.28
C GLU A 53 18.73 -6.21 -15.47
N GLU A 54 19.31 -5.62 -14.43
CA GLU A 54 19.84 -4.27 -14.59
C GLU A 54 21.36 -4.20 -14.36
N ASN A 55 22.09 -3.53 -15.25
CA ASN A 55 23.52 -3.43 -15.11
C ASN A 55 23.94 -1.98 -15.00
N GLU A 56 25.24 -1.73 -15.01
CA GLU A 56 25.78 -0.38 -14.90
C GLU A 56 26.01 0.23 -16.26
N LEU A 57 26.10 1.56 -16.31
CA LEU A 57 26.30 2.23 -17.57
C LEU A 57 27.77 2.35 -17.89
N PRO A 58 28.17 1.98 -19.13
CA PRO A 58 29.58 2.10 -19.54
C PRO A 58 30.00 3.58 -19.42
N VAL A 59 31.00 3.84 -18.60
CA VAL A 59 31.51 5.20 -18.38
C VAL A 59 32.51 5.58 -19.47
N LYS A 60 33.04 6.78 -19.34
CA LYS A 60 34.04 7.23 -20.29
C LYS A 60 35.02 8.06 -19.49
N GLY A 61 34.74 8.24 -18.20
CA GLY A 61 35.62 9.02 -17.33
C GLY A 61 35.39 8.87 -15.83
N VAL A 62 36.05 7.89 -15.23
CA VAL A 62 35.93 7.68 -13.79
C VAL A 62 36.92 8.64 -13.17
N GLU A 63 36.60 9.15 -11.97
CA GLU A 63 37.46 10.10 -11.26
C GLU A 63 37.05 10.28 -9.81
N ALA B 2 -12.69 14.13 -12.09
CA ALA B 2 -11.67 13.30 -11.39
C ALA B 2 -11.39 13.83 -9.98
N SER B 3 -11.86 15.04 -9.71
CA SER B 3 -11.69 15.63 -8.40
C SER B 3 -12.43 14.76 -7.38
N LYS B 4 -11.82 14.56 -6.22
CA LYS B 4 -12.44 13.75 -5.22
C LYS B 4 -11.79 13.93 -3.86
N LYS B 5 -12.46 13.39 -2.84
CA LYS B 5 -12.00 13.46 -1.48
C LYS B 5 -11.77 12.03 -1.09
N VAL B 6 -10.53 11.70 -0.74
CA VAL B 6 -10.17 10.34 -0.34
C VAL B 6 -9.86 10.30 1.15
N HIS B 7 -10.33 9.24 1.81
CA HIS B 7 -10.11 9.04 3.24
C HIS B 7 -9.67 7.62 3.34
N GLN B 8 -8.46 7.40 3.84
CA GLN B 8 -7.92 6.06 3.94
C GLN B 8 -7.20 5.70 5.25
N ILE B 9 -7.37 4.44 5.67
CA ILE B 9 -6.74 3.89 6.86
C ILE B 9 -5.78 2.72 6.51
N ASN B 10 -4.53 2.82 6.97
CA ASN B 10 -3.53 1.77 6.76
C ASN B 10 -3.26 1.21 8.14
N VAL B 11 -3.28 -0.11 8.27
CA VAL B 11 -3.05 -0.77 9.54
C VAL B 11 -2.16 -1.99 9.36
N LYS B 12 -0.98 -1.97 9.94
CA LYS B 12 -0.05 -3.06 9.80
C LYS B 12 0.31 -3.64 11.17
N GLY B 13 0.17 -4.94 11.34
CA GLY B 13 0.54 -5.58 12.59
C GLY B 13 0.06 -7.01 12.68
N PHE B 14 0.19 -7.62 13.86
CA PHE B 14 -0.27 -8.99 14.07
C PHE B 14 -1.78 -8.98 14.27
N PHE B 15 -2.51 -9.69 13.40
CA PHE B 15 -3.97 -9.72 13.42
C PHE B 15 -4.66 -10.82 14.22
N ASP B 16 -5.54 -10.40 15.10
CA ASP B 16 -6.30 -11.31 15.94
C ASP B 16 -7.75 -10.93 15.75
N MSE B 17 -8.45 -11.71 14.94
CA MSE B 17 -9.84 -11.47 14.63
C MSE B 17 -10.79 -11.87 15.73
O MSE B 17 -11.97 -11.53 15.68
CB MSE B 17 -10.19 -12.21 13.34
CG MSE B 17 -11.61 -12.03 12.85
SE MSE B 17 -12.04 -13.35 11.47
CE MSE B 17 -11.54 -14.98 12.39
N ASP B 18 -10.29 -12.62 16.71
CA ASP B 18 -11.12 -13.08 17.81
C ASP B 18 -11.47 -11.89 18.70
N VAL B 19 -10.46 -11.08 19.02
CA VAL B 19 -10.64 -9.89 19.84
C VAL B 19 -10.71 -8.72 18.89
N MSE B 20 -10.66 -9.02 17.59
CA MSE B 20 -10.68 -8.01 16.52
C MSE B 20 -9.68 -6.87 16.73
O MSE B 20 -10.06 -5.70 16.70
CB MSE B 20 -12.09 -7.45 16.38
CG MSE B 20 -12.98 -8.25 15.43
SE MSE B 20 -12.51 -7.99 13.54
CE MSE B 20 -13.69 -6.55 13.07
N GLU B 21 -8.41 -7.21 16.89
CA GLU B 21 -7.40 -6.18 17.10
C GLU B 21 -6.15 -6.45 16.29
N VAL B 22 -5.49 -5.38 15.87
CA VAL B 22 -4.25 -5.50 15.12
C VAL B 22 -3.19 -4.84 15.99
N THR B 23 -2.06 -5.51 16.14
CA THR B 23 -1.01 -4.96 16.96
C THR B 23 0.39 -5.07 16.36
N GLU B 24 1.03 -3.92 16.12
CA GLU B 24 2.37 -3.90 15.53
C GLU B 24 3.50 -3.66 16.53
N GLN B 25 4.62 -4.33 16.30
CA GLN B 25 5.78 -4.24 17.16
C GLN B 25 6.84 -3.30 16.59
N THR B 26 6.77 -2.02 16.94
CA THR B 26 7.75 -1.02 16.52
C THR B 26 9.07 -1.26 17.22
N LYS B 27 10.06 -0.42 16.89
CA LYS B 27 11.40 -0.51 17.48
C LYS B 27 11.34 0.06 18.90
N GLU B 28 10.50 1.08 19.07
CA GLU B 28 10.31 1.75 20.35
C GLU B 28 9.21 1.13 21.25
N ALA B 29 8.01 0.94 20.70
CA ALA B 29 6.90 0.36 21.45
C ALA B 29 6.05 -0.61 20.63
N GLU B 30 5.09 -1.25 21.30
CA GLU B 30 4.19 -2.22 20.71
C GLU B 30 2.76 -1.65 20.74
N TYR B 31 2.36 -1.02 19.63
CA TYR B 31 1.05 -0.40 19.48
C TYR B 31 -0.06 -1.40 19.17
N THR B 32 -1.25 -1.15 19.71
CA THR B 32 -2.39 -2.03 19.47
C THR B 32 -3.59 -1.21 19.02
N TYR B 33 -4.06 -1.52 17.82
CA TYR B 33 -5.19 -0.80 17.25
C TYR B 33 -6.34 -1.78 17.19
N ASP B 34 -7.56 -1.32 17.45
CA ASP B 34 -8.68 -2.25 17.34
C ASP B 34 -9.35 -2.08 15.98
N PHE B 35 -9.19 -3.13 15.19
CA PHE B 35 -9.71 -3.17 13.85
C PHE B 35 -11.22 -2.92 13.81
N LYS B 36 -11.92 -3.34 14.87
CA LYS B 36 -13.37 -3.18 14.99
C LYS B 36 -13.76 -1.70 14.88
N GLU B 37 -13.18 -0.85 15.74
CA GLU B 37 -13.48 0.58 15.71
C GLU B 37 -13.12 1.18 14.35
N ILE B 38 -11.90 0.89 13.88
CA ILE B 38 -11.44 1.37 12.58
C ILE B 38 -12.43 0.98 11.48
N LEU B 39 -12.73 -0.32 11.40
CA LEU B 39 -13.66 -0.81 10.39
C LEU B 39 -15.02 -0.10 10.44
N SER B 40 -15.53 0.15 11.64
CA SER B 40 -16.84 0.77 11.79
C SER B 40 -16.94 2.16 11.18
N GLU B 41 -15.83 2.88 11.16
CA GLU B 41 -15.82 4.22 10.61
C GLU B 41 -16.25 4.17 9.15
N PHE B 42 -16.18 2.98 8.55
CA PHE B 42 -16.54 2.80 7.15
C PHE B 42 -17.86 2.06 6.92
N ASN B 43 -18.41 1.45 7.96
CA ASN B 43 -19.66 0.72 7.80
C ASN B 43 -20.74 1.53 7.12
N GLY B 44 -21.28 1.01 6.02
CA GLY B 44 -22.32 1.76 5.30
C GLY B 44 -21.91 2.54 4.07
N LYS B 45 -20.71 2.29 3.58
CA LYS B 45 -20.25 3.00 2.38
C LYS B 45 -19.44 2.15 1.41
N ASN B 46 -19.27 2.66 0.20
CA ASN B 46 -18.43 2.02 -0.80
C ASN B 46 -16.94 2.16 -0.47
N VAL B 47 -16.21 1.05 -0.61
CA VAL B 47 -14.85 0.96 -0.10
C VAL B 47 -13.96 0.16 -1.03
N SER B 48 -12.65 0.34 -0.90
CA SER B 48 -11.69 -0.69 -1.29
C SER B 48 -10.93 -1.21 -0.07
N ILE B 49 -11.10 -2.49 0.22
CA ILE B 49 -10.30 -3.16 1.25
C ILE B 49 -9.19 -3.99 0.64
N THR B 50 -7.95 -3.74 1.07
CA THR B 50 -6.84 -4.61 0.75
C THR B 50 -6.27 -5.27 2.01
N VAL B 51 -6.03 -6.57 1.94
CA VAL B 51 -5.45 -7.31 3.05
C VAL B 51 -4.24 -8.09 2.46
N LYS B 52 -3.05 -7.65 2.81
CA LYS B 52 -1.83 -8.24 2.30
C LYS B 52 -1.07 -8.98 3.40
N GLU B 53 -0.48 -10.11 3.07
CA GLU B 53 0.30 -10.87 4.02
C GLU B 53 1.52 -11.36 3.28
N GLU B 54 2.72 -10.90 3.63
CA GLU B 54 3.88 -11.38 2.93
C GLU B 54 4.86 -12.18 3.78
N ASN B 55 5.30 -13.32 3.29
CA ASN B 55 6.21 -14.16 4.03
C ASN B 55 7.53 -14.31 3.31
N GLU B 56 8.38 -15.19 3.84
CA GLU B 56 9.70 -15.42 3.27
C GLU B 56 9.62 -16.60 2.34
N LEU B 57 10.64 -16.74 1.48
CA LEU B 57 10.66 -17.84 0.52
C LEU B 57 11.42 -19.00 1.08
N PRO B 58 10.83 -20.19 0.96
CA PRO B 58 11.51 -21.40 1.46
C PRO B 58 12.83 -21.56 0.75
N VAL B 59 13.92 -21.57 1.52
CA VAL B 59 15.26 -21.73 0.95
C VAL B 59 15.58 -23.19 0.73
N LYS B 60 16.77 -23.45 0.24
CA LYS B 60 17.19 -24.82 0.01
C LYS B 60 18.70 -24.87 0.22
N GLY B 61 19.29 -23.69 0.35
CA GLY B 61 20.73 -23.61 0.55
C GLY B 61 21.07 -22.30 1.21
N VAL B 62 21.88 -22.38 2.26
CA VAL B 62 22.32 -21.18 2.95
C VAL B 62 23.82 -21.32 3.06
N GLU B 63 24.54 -20.21 3.16
CA GLU B 63 25.99 -20.29 3.25
C GLU B 63 26.57 -19.07 3.90
N ALA C 2 15.34 -9.95 -0.06
CA ALA C 2 14.14 -9.27 -0.65
C ALA C 2 13.16 -10.25 -1.28
N SER C 3 13.61 -11.48 -1.49
CA SER C 3 12.75 -12.48 -2.05
C SER C 3 11.62 -12.75 -1.08
N LYS C 4 10.42 -12.91 -1.57
CA LYS C 4 9.32 -13.17 -0.68
C LYS C 4 8.10 -13.69 -1.40
N LYS C 5 7.17 -14.21 -0.62
CA LYS C 5 5.93 -14.75 -1.12
C LYS C 5 4.89 -13.79 -0.62
N VAL C 6 4.12 -13.22 -1.51
CA VAL C 6 3.09 -12.29 -1.11
C VAL C 6 1.72 -12.92 -1.43
N HIS C 7 0.76 -12.73 -0.54
CA HIS C 7 -0.60 -13.23 -0.74
C HIS C 7 -1.49 -12.06 -0.40
N GLN C 8 -2.30 -11.61 -1.33
CA GLN C 8 -3.12 -10.45 -1.09
C GLN C 8 -4.57 -10.58 -1.57
N ILE C 9 -5.51 -9.96 -0.85
CA ILE C 9 -6.93 -9.95 -1.23
C ILE C 9 -7.40 -8.48 -1.40
N ASN C 10 -8.06 -8.17 -2.52
CA ASN C 10 -8.57 -6.82 -2.78
C ASN C 10 -10.09 -7.03 -2.82
N VAL C 11 -10.85 -6.16 -2.14
CA VAL C 11 -12.29 -6.30 -2.12
C VAL C 11 -12.88 -4.92 -2.20
N LYS C 12 -13.68 -4.70 -3.24
CA LYS C 12 -14.28 -3.40 -3.46
C LYS C 12 -15.80 -3.58 -3.54
N GLY C 13 -16.52 -2.78 -2.77
CA GLY C 13 -17.97 -2.85 -2.78
C GLY C 13 -18.62 -2.07 -1.64
N PHE C 14 -19.93 -2.22 -1.50
CA PHE C 14 -20.65 -1.53 -0.44
C PHE C 14 -20.46 -2.37 0.82
N PHE C 15 -19.91 -1.74 1.86
CA PHE C 15 -19.59 -2.42 3.12
C PHE C 15 -20.65 -2.37 4.19
N ASP C 16 -20.98 -3.55 4.72
CA ASP C 16 -21.98 -3.70 5.77
C ASP C 16 -21.34 -4.57 6.82
N MSE C 17 -20.84 -3.91 7.86
CA MSE C 17 -20.14 -4.61 8.93
C MSE C 17 -21.06 -5.36 9.88
O MSE C 17 -20.60 -6.13 10.71
CB MSE C 17 -19.30 -3.60 9.71
CG MSE C 17 -18.47 -4.18 10.85
SE MSE C 17 -17.71 -2.75 11.93
CE MSE C 17 -19.39 -1.79 12.33
N ASP C 18 -22.36 -5.14 9.77
CA ASP C 18 -23.33 -5.79 10.65
C ASP C 18 -23.43 -7.25 10.29
N VAL C 19 -23.59 -7.52 9.00
CA VAL C 19 -23.67 -8.89 8.50
C VAL C 19 -22.26 -9.25 8.03
N MSE C 20 -21.33 -8.30 8.17
CA MSE C 20 -19.94 -8.46 7.75
C MSE C 20 -19.76 -8.92 6.28
O MSE C 20 -19.09 -9.93 6.00
CB MSE C 20 -19.22 -9.45 8.69
CG MSE C 20 -18.61 -8.81 9.93
SE MSE C 20 -17.07 -7.68 9.56
CE MSE C 20 -15.65 -9.03 9.70
N GLU C 21 -20.35 -8.16 5.35
CA GLU C 21 -20.26 -8.50 3.93
C GLU C 21 -19.99 -7.28 3.06
N VAL C 22 -19.23 -7.50 2.00
CA VAL C 22 -18.94 -6.45 1.04
C VAL C 22 -19.60 -6.87 -0.26
N THR C 23 -20.31 -5.93 -0.88
CA THR C 23 -21.01 -6.25 -2.13
C THR C 23 -20.83 -5.19 -3.22
N GLU C 24 -20.23 -5.57 -4.35
CA GLU C 24 -20.02 -4.63 -5.47
C GLU C 24 -21.01 -4.80 -6.61
N GLN C 25 -21.43 -3.67 -7.17
CA GLN C 25 -22.39 -3.63 -8.27
C GLN C 25 -21.65 -3.49 -9.58
N THR C 26 -21.41 -4.62 -10.25
CA THR C 26 -20.70 -4.63 -11.52
C THR C 26 -21.58 -4.07 -12.66
N LYS C 27 -21.19 -4.36 -13.90
CA LYS C 27 -21.91 -3.92 -15.11
C LYS C 27 -22.86 -5.02 -15.57
N GLU C 28 -22.60 -6.23 -15.10
CA GLU C 28 -23.42 -7.39 -15.42
C GLU C 28 -24.31 -7.73 -14.22
N ALA C 29 -23.67 -8.11 -13.10
CA ALA C 29 -24.36 -8.51 -11.86
C ALA C 29 -24.17 -7.62 -10.63
N GLU C 30 -24.25 -8.27 -9.48
CA GLU C 30 -24.08 -7.66 -8.18
C GLU C 30 -23.53 -8.78 -7.29
N TYR C 31 -22.20 -8.79 -7.17
CA TYR C 31 -21.51 -9.80 -6.37
C TYR C 31 -21.44 -9.47 -4.90
N THR C 32 -21.46 -10.51 -4.07
CA THR C 32 -21.39 -10.34 -2.62
C THR C 32 -20.34 -11.24 -2.00
N TYR C 33 -19.38 -10.63 -1.33
CA TYR C 33 -18.31 -11.39 -0.69
C TYR C 33 -18.46 -11.21 0.79
N ASP C 34 -18.25 -12.27 1.57
CA ASP C 34 -18.36 -12.14 3.03
C ASP C 34 -16.99 -11.89 3.62
N PHE C 35 -16.81 -10.65 4.05
CA PHE C 35 -15.58 -10.15 4.62
C PHE C 35 -15.08 -10.99 5.78
N LYS C 36 -16.01 -11.65 6.45
CA LYS C 36 -15.71 -12.50 7.60
C LYS C 36 -14.81 -13.66 7.15
N GLU C 37 -15.29 -14.42 6.17
CA GLU C 37 -14.51 -15.54 5.65
C GLU C 37 -13.16 -15.06 5.12
N ILE C 38 -13.19 -14.01 4.31
CA ILE C 38 -11.95 -13.47 3.77
C ILE C 38 -10.98 -13.12 4.91
N LEU C 39 -11.44 -12.27 5.82
CA LEU C 39 -10.62 -11.86 6.95
C LEU C 39 -10.02 -13.03 7.71
N SER C 40 -10.82 -14.07 7.92
CA SER C 40 -10.35 -15.23 8.68
C SER C 40 -9.14 -15.95 8.09
N GLU C 41 -9.00 -15.87 6.78
CA GLU C 41 -7.88 -16.52 6.10
C GLU C 41 -6.58 -15.88 6.59
N PHE C 42 -6.70 -14.71 7.20
CA PHE C 42 -5.55 -13.99 7.71
C PHE C 42 -5.40 -13.98 9.23
N ASN C 43 -6.40 -14.48 9.95
CA ASN C 43 -6.34 -14.47 11.40
C ASN C 43 -5.13 -15.21 11.90
N GLY C 44 -4.29 -14.53 12.66
CA GLY C 44 -3.11 -15.19 13.23
C GLY C 44 -1.77 -14.88 12.60
N LYS C 45 -1.72 -13.82 11.81
CA LYS C 45 -0.48 -13.47 11.14
C LYS C 45 -0.28 -11.98 10.91
N ASN C 46 0.97 -11.57 10.70
CA ASN C 46 1.30 -10.19 10.38
C ASN C 46 0.79 -9.79 9.01
N VAL C 47 0.03 -8.71 8.96
CA VAL C 47 -0.65 -8.30 7.72
C VAL C 47 -0.59 -6.79 7.53
N SER C 48 -0.87 -6.34 6.32
CA SER C 48 -0.97 -4.91 6.03
C SER C 48 -2.32 -4.56 5.42
N ILE C 49 -3.18 -3.94 6.21
CA ILE C 49 -4.58 -3.81 5.87
C ILE C 49 -4.81 -2.42 5.43
N THR C 50 -5.63 -2.24 4.40
CA THR C 50 -5.90 -0.90 3.89
C THR C 50 -7.36 -0.77 3.63
N VAL C 51 -7.96 0.31 4.11
CA VAL C 51 -9.39 0.52 3.90
C VAL C 51 -9.53 1.93 3.38
N LYS C 52 -9.90 2.04 2.11
CA LYS C 52 -10.05 3.31 1.41
C LYS C 52 -11.52 3.58 1.09
N GLU C 53 -11.88 4.85 1.14
CA GLU C 53 -13.23 5.24 0.84
C GLU C 53 -13.08 6.57 0.16
N GLU C 54 -13.47 6.65 -1.11
CA GLU C 54 -13.35 7.90 -1.83
C GLU C 54 -14.69 8.46 -2.29
N ASN C 55 -14.91 9.75 -2.04
CA ASN C 55 -16.17 10.38 -2.43
C ASN C 55 -15.92 11.50 -3.39
N GLU C 56 -16.99 12.21 -3.76
CA GLU C 56 -16.94 13.33 -4.68
C GLU C 56 -16.69 14.64 -3.95
N LEU C 57 -16.21 15.65 -4.66
CA LEU C 57 -15.96 16.96 -4.04
C LEU C 57 -17.18 17.86 -4.11
N PRO C 58 -17.57 18.43 -2.96
CA PRO C 58 -18.73 19.33 -2.91
C PRO C 58 -18.46 20.46 -3.89
N VAL C 59 -19.39 20.63 -4.83
CA VAL C 59 -19.29 21.66 -5.85
C VAL C 59 -19.89 22.94 -5.34
N LYS C 60 -19.85 23.96 -6.17
CA LYS C 60 -20.45 25.21 -5.79
C LYS C 60 -21.15 25.76 -7.03
N GLY C 61 -21.14 24.98 -8.12
CA GLY C 61 -21.79 25.44 -9.33
C GLY C 61 -21.46 24.75 -10.65
N VAL C 62 -22.47 24.08 -11.18
CA VAL C 62 -22.40 23.36 -12.46
C VAL C 62 -22.90 24.28 -13.61
N GLU C 63 -22.19 24.31 -14.74
CA GLU C 63 -22.63 25.14 -15.86
C GLU C 63 -22.59 24.31 -17.14
N ALA D 2 1.29 11.89 -26.63
CA ALA D 2 1.49 11.72 -25.15
C ALA D 2 2.64 12.61 -24.66
N SER D 3 3.42 13.12 -25.59
CA SER D 3 4.53 13.97 -25.25
C SER D 3 3.99 15.20 -24.53
N LYS D 4 4.68 15.66 -23.50
CA LYS D 4 4.22 16.84 -22.80
C LYS D 4 5.29 17.44 -21.95
N LYS D 5 4.99 18.62 -21.42
CA LYS D 5 5.89 19.36 -20.55
C LYS D 5 5.17 19.46 -19.22
N VAL D 6 5.75 18.89 -18.18
CA VAL D 6 5.12 18.95 -16.87
C VAL D 6 5.92 19.87 -15.94
N HIS D 7 5.20 20.64 -15.13
CA HIS D 7 5.80 21.58 -14.16
C HIS D 7 5.02 21.35 -12.90
N GLN D 8 5.72 20.91 -11.85
CA GLN D 8 5.04 20.60 -10.61
C GLN D 8 5.73 21.12 -9.37
N ILE D 9 4.95 21.45 -8.34
CA ILE D 9 5.47 21.97 -7.07
C ILE D 9 4.97 21.11 -5.92
N ASN D 10 5.89 20.61 -5.09
CA ASN D 10 5.55 19.78 -3.93
C ASN D 10 5.90 20.61 -2.72
N VAL D 11 4.99 20.70 -1.76
CA VAL D 11 5.23 21.49 -0.56
C VAL D 11 4.69 20.71 0.61
N LYS D 12 5.56 20.43 1.58
CA LYS D 12 5.19 19.65 2.76
C LYS D 12 5.58 20.42 4.00
N GLY D 13 4.61 20.68 4.86
CA GLY D 13 4.88 21.40 6.10
C GLY D 13 3.63 21.69 6.92
N PHE D 14 3.79 22.51 7.95
CA PHE D 14 2.65 22.89 8.76
C PHE D 14 1.96 24.04 8.03
N PHE D 15 0.68 23.83 7.69
CA PHE D 15 -0.11 24.82 6.95
C PHE D 15 -0.91 25.86 7.71
N ASP D 16 -0.67 27.13 7.38
CA ASP D 16 -1.35 28.27 8.00
C ASP D 16 -1.91 29.10 6.86
N MSE D 17 -3.21 28.96 6.65
CA MSE D 17 -3.89 29.65 5.58
C MSE D 17 -4.20 31.09 5.88
O MSE D 17 -4.60 31.84 5.00
CB MSE D 17 -5.19 28.90 5.27
CG MSE D 17 -5.96 29.47 4.09
SE MSE D 17 -7.74 28.69 4.03
CE MSE D 17 -8.28 28.98 5.91
N ASP D 18 -4.03 31.48 7.14
CA ASP D 18 -4.30 32.86 7.57
C ASP D 18 -3.22 33.76 7.01
N VAL D 19 -1.96 33.34 7.15
CA VAL D 19 -0.82 34.09 6.63
C VAL D 19 -0.44 33.44 5.31
N MSE D 20 -1.20 32.41 4.92
CA MSE D 20 -0.99 31.65 3.69
C MSE D 20 0.45 31.17 3.52
O MSE D 20 1.08 31.45 2.50
CB MSE D 20 -1.40 32.48 2.48
CG MSE D 20 -2.86 32.31 2.12
SE MSE D 20 -3.28 30.53 1.38
CE MSE D 20 -3.00 30.94 -0.53
N GLU D 21 0.94 30.44 4.52
CA GLU D 21 2.30 29.93 4.47
C GLU D 21 2.39 28.48 4.95
N VAL D 22 3.31 27.74 4.33
CA VAL D 22 3.56 26.36 4.70
C VAL D 22 4.99 26.35 5.25
N THR D 23 5.19 25.71 6.40
CA THR D 23 6.51 25.64 7.01
C THR D 23 6.88 24.25 7.54
N GLU D 24 7.94 23.65 6.98
CA GLU D 24 8.38 22.33 7.41
C GLU D 24 9.57 22.36 8.35
N GLN D 25 9.54 21.44 9.32
CA GLN D 25 10.57 21.30 10.35
C GLN D 25 11.60 20.24 9.98
N THR D 26 12.74 20.74 9.49
CA THR D 26 13.85 19.90 9.09
C THR D 26 14.80 19.70 10.27
N LYS D 27 15.40 18.51 10.33
CA LYS D 27 16.38 18.10 11.35
C LYS D 27 17.65 18.98 11.30
N GLU D 28 17.55 20.12 10.61
CA GLU D 28 18.66 21.06 10.50
C GLU D 28 18.14 22.49 10.59
N ALA D 29 16.88 22.70 10.19
CA ALA D 29 16.28 24.02 10.26
C ALA D 29 14.76 24.00 10.06
N GLU D 30 14.18 25.20 10.06
CA GLU D 30 12.74 25.39 9.92
C GLU D 30 12.46 26.37 8.77
N TYR D 31 12.23 25.79 7.60
CA TYR D 31 11.95 26.56 6.40
C TYR D 31 10.51 27.03 6.30
N THR D 32 10.32 28.19 5.68
CA THR D 32 9.01 28.74 5.51
C THR D 32 8.78 29.18 4.08
N TYR D 33 7.76 28.58 3.46
CA TYR D 33 7.45 28.91 2.09
C TYR D 33 6.10 29.61 2.06
N ASP D 34 5.96 30.63 1.21
CA ASP D 34 4.68 31.30 1.15
C ASP D 34 3.88 30.72 0.01
N PHE D 35 2.86 29.97 0.40
CA PHE D 35 1.95 29.29 -0.50
C PHE D 35 1.32 30.24 -1.51
N LYS D 36 1.17 31.51 -1.14
CA LYS D 36 0.58 32.53 -1.99
C LYS D 36 1.42 32.73 -3.25
N GLU D 37 2.71 33.01 -3.07
CA GLU D 37 3.60 33.20 -4.22
C GLU D 37 3.62 31.94 -5.09
N ILE D 38 3.81 30.79 -4.44
CA ILE D 38 3.84 29.51 -5.13
C ILE D 38 2.56 29.33 -5.95
N LEU D 39 1.41 29.41 -5.29
CA LEU D 39 0.11 29.26 -5.94
C LEU D 39 -0.06 30.20 -7.13
N SER D 40 0.42 31.44 -7.01
CA SER D 40 0.28 32.44 -8.07
C SER D 40 1.00 32.06 -9.34
N GLU D 41 2.05 31.24 -9.23
CA GLU D 41 2.80 30.84 -10.41
C GLU D 41 1.89 29.97 -11.32
N PHE D 42 0.77 29.55 -10.76
CA PHE D 42 -0.13 28.71 -11.52
C PHE D 42 -1.45 29.39 -11.88
N ASN D 43 -1.70 30.59 -11.35
CA ASN D 43 -2.96 31.30 -11.65
C ASN D 43 -3.21 31.51 -13.14
N GLY D 44 -4.34 31.02 -13.62
CA GLY D 44 -4.65 31.17 -15.03
C GLY D 44 -4.40 29.93 -15.89
N LYS D 45 -4.19 28.77 -15.27
CA LYS D 45 -3.95 27.55 -16.06
C LYS D 45 -4.56 26.31 -15.50
N ASN D 46 -4.68 25.29 -16.34
CA ASN D 46 -5.17 23.99 -15.91
C ASN D 46 -4.17 23.27 -15.01
N VAL D 47 -4.65 22.73 -13.89
CA VAL D 47 -3.79 22.19 -12.86
C VAL D 47 -4.44 21.01 -12.15
N SER D 48 -3.63 20.04 -11.74
CA SER D 48 -4.03 19.08 -10.74
C SER D 48 -3.42 19.39 -9.38
N ILE D 49 -4.28 19.64 -8.39
CA ILE D 49 -3.83 20.03 -7.09
C ILE D 49 -4.11 18.93 -6.14
N THR D 50 -3.17 18.68 -5.23
CA THR D 50 -3.37 17.61 -4.27
C THR D 50 -3.02 18.11 -2.93
N VAL D 51 -3.90 17.84 -1.96
CA VAL D 51 -3.67 18.24 -0.58
C VAL D 51 -3.90 17.04 0.32
N LYS D 52 -2.81 16.57 0.89
CA LYS D 52 -2.85 15.40 1.74
C LYS D 52 -2.53 15.78 3.18
N GLU D 53 -3.17 15.10 4.11
CA GLU D 53 -2.94 15.31 5.53
C GLU D 53 -3.02 13.94 6.17
N GLU D 54 -1.90 13.42 6.66
CA GLU D 54 -1.94 12.12 7.30
C GLU D 54 -1.62 12.16 8.80
N ASN D 55 -2.46 11.51 9.60
CA ASN D 55 -2.26 11.48 11.04
C ASN D 55 -2.03 10.05 11.51
N GLU D 56 -1.97 9.86 12.83
CA GLU D 56 -1.72 8.55 13.42
C GLU D 56 -3.05 7.86 13.73
N LEU D 57 -2.99 6.58 13.97
CA LEU D 57 -4.21 5.83 14.29
C LEU D 57 -4.44 5.77 15.78
N PRO D 58 -5.67 6.08 16.20
CA PRO D 58 -6.00 6.03 17.63
C PRO D 58 -5.77 4.62 18.14
N VAL D 59 -4.88 4.50 19.13
CA VAL D 59 -4.56 3.18 19.72
C VAL D 59 -5.53 2.82 20.82
N LYS D 60 -5.39 1.63 21.35
CA LYS D 60 -6.24 1.25 22.43
C LYS D 60 -5.28 0.64 23.47
N GLY D 61 -3.98 0.88 23.24
CA GLY D 61 -2.95 0.42 24.13
C GLY D 61 -1.50 0.44 23.68
N VAL D 62 -0.70 1.38 24.19
CA VAL D 62 0.73 1.42 23.85
C VAL D 62 1.45 0.65 24.95
N GLU D 63 2.66 0.18 24.68
CA GLU D 63 3.44 -0.61 25.63
C GLU D 63 4.94 -0.58 25.39
#